data_8XFU
#
_entry.id   8XFU
#
_cell.length_a   105.658
_cell.length_b   105.658
_cell.length_c   451.970
_cell.angle_alpha   90.00
_cell.angle_beta   90.00
_cell.angle_gamma   120.00
#
_symmetry.space_group_name_H-M   'P 65 2 2'
#
_entity_poly.entity_id   1
_entity_poly.type   'polypeptide(L)'
_entity_poly.pdbx_seq_one_letter_code
;IDMYLYDDNEESQVQFVGFVGEHSRYDLMLVHTNRHYGKTLVLNMQTNKFGIIGTDDLKEEGYIAHILGVNAEEGDEITE
YLNEVIHLE
;
_entity_poly.pdbx_strand_id   A,B,C,D,E,F
#
# COMPACT_ATOMS: atom_id res chain seq x y z
N ILE A 1 -20.37 40.26 -2.13
CA ILE A 1 -19.64 40.61 -3.39
C ILE A 1 -18.68 41.74 -3.04
N ASP A 2 -18.25 41.85 -1.78
CA ASP A 2 -17.47 43.06 -1.46
C ASP A 2 -16.31 42.82 -0.51
N MET A 3 -16.15 41.66 0.09
CA MET A 3 -14.96 41.55 0.96
C MET A 3 -14.41 40.14 0.89
N TYR A 4 -13.10 39.96 0.79
CA TYR A 4 -12.55 38.59 0.67
C TYR A 4 -12.05 38.13 2.02
N LEU A 5 -11.80 36.84 2.24
CA LEU A 5 -11.32 36.36 3.57
C LEU A 5 -9.88 35.85 3.42
N TYR A 6 -9.59 35.16 2.32
CA TYR A 6 -8.22 34.62 2.06
C TYR A 6 -8.09 34.25 0.58
N ASP A 7 -6.96 34.64 -0.03
CA ASP A 7 -6.68 34.32 -1.46
C ASP A 7 -5.35 33.56 -1.53
N ASP A 8 -5.26 32.42 -0.85
CA ASP A 8 -4.02 31.60 -0.81
C ASP A 8 -3.95 30.75 -2.09
N ASN A 9 -2.74 30.53 -2.61
CA ASN A 9 -2.46 29.61 -3.75
C ASN A 9 -1.34 28.67 -3.30
N GLU A 10 -1.24 27.49 -3.92
CA GLU A 10 -0.29 26.41 -3.52
C GLU A 10 0.08 25.59 -4.76
N GLU A 11 1.32 25.07 -4.77
CA GLU A 11 1.80 23.98 -5.65
C GLU A 11 1.14 22.72 -5.08
N SER A 12 0.63 21.86 -5.95
CA SER A 12 0.03 20.58 -5.51
C SER A 12 0.15 19.60 -6.66
N GLN A 13 0.42 18.35 -6.30
CA GLN A 13 0.46 17.18 -7.21
C GLN A 13 -1.00 16.81 -7.48
N VAL A 14 -1.40 16.67 -8.75
CA VAL A 14 -2.76 16.16 -9.11
C VAL A 14 -2.60 14.85 -9.89
N GLN A 15 -3.13 13.75 -9.36
CA GLN A 15 -3.22 12.47 -10.07
C GLN A 15 -4.49 12.51 -10.90
N PHE A 16 -4.44 11.91 -12.08
CA PHE A 16 -5.53 11.79 -13.07
C PHE A 16 -5.69 10.30 -13.39
N VAL A 17 -6.49 9.53 -12.65
CA VAL A 17 -6.57 8.06 -12.95
C VAL A 17 -7.90 7.77 -13.62
N GLY A 18 -7.93 6.64 -14.29
CA GLY A 18 -9.12 6.13 -14.96
C GLY A 18 -8.91 4.65 -15.16
N PHE A 19 -9.94 3.84 -15.00
CA PHE A 19 -9.72 2.40 -15.21
C PHE A 19 -11.04 1.73 -15.52
N VAL A 20 -11.00 0.42 -15.72
CA VAL A 20 -12.25 -0.28 -16.12
C VAL A 20 -12.64 -1.27 -15.05
N GLY A 21 -13.79 -1.05 -14.43
CA GLY A 21 -14.28 -1.97 -13.40
C GLY A 21 -15.15 -3.04 -14.00
N GLU A 22 -15.72 -3.90 -13.19
CA GLU A 22 -16.49 -4.98 -13.82
C GLU A 22 -17.83 -4.45 -14.34
N HIS A 23 -18.16 -3.19 -14.11
CA HIS A 23 -19.50 -2.73 -14.57
C HIS A 23 -19.47 -1.37 -15.26
N SER A 24 -18.70 -0.38 -14.78
CA SER A 24 -18.51 0.84 -15.59
C SER A 24 -17.04 1.28 -15.79
N ARG A 25 -16.88 2.55 -16.14
CA ARG A 25 -15.58 3.16 -16.42
C ARG A 25 -15.47 4.45 -15.61
N TYR A 26 -14.53 4.48 -14.68
CA TYR A 26 -14.35 5.56 -13.69
C TYR A 26 -13.23 6.47 -14.21
N ASP A 27 -13.49 7.77 -14.14
CA ASP A 27 -12.57 8.83 -14.58
C ASP A 27 -12.35 9.79 -13.41
N LEU A 28 -11.25 9.62 -12.71
CA LEU A 28 -11.00 10.37 -11.46
C LEU A 28 -9.85 11.37 -11.67
N MET A 29 -9.73 12.22 -10.66
CA MET A 29 -8.71 13.27 -10.46
C MET A 29 -8.53 13.37 -8.95
N LEU A 30 -7.30 13.37 -8.46
CA LEU A 30 -7.00 13.33 -7.01
C LEU A 30 -5.96 14.40 -6.69
N VAL A 31 -6.26 15.25 -5.72
CA VAL A 31 -5.48 16.47 -5.40
C VAL A 31 -5.21 16.44 -3.90
N HIS A 32 -3.94 16.29 -3.49
CA HIS A 32 -3.54 16.14 -2.05
C HIS A 32 -2.92 17.48 -1.66
N THR A 33 -3.56 18.22 -0.76
CA THR A 33 -3.02 19.53 -0.34
C THR A 33 -2.51 19.41 1.11
N ASN A 34 -1.78 20.43 1.57
CA ASN A 34 -1.26 20.46 2.96
C ASN A 34 -2.17 21.37 3.80
N ARG A 35 -3.37 21.67 3.28
CA ARG A 35 -4.36 22.54 3.96
C ARG A 35 -5.51 21.68 4.49
N HIS A 36 -5.76 20.50 3.90
CA HIS A 36 -6.87 19.68 4.42
C HIS A 36 -6.31 18.61 5.35
N TYR A 37 -7.05 18.32 6.42
CA TYR A 37 -6.65 17.45 7.57
C TYR A 37 -6.02 16.13 7.06
N GLY A 38 -4.91 16.22 6.31
CA GLY A 38 -4.20 15.10 5.67
C GLY A 38 -5.09 14.26 4.76
N LYS A 39 -6.15 14.85 4.18
CA LYS A 39 -7.18 14.13 3.38
C LYS A 39 -6.95 14.34 1.89
N THR A 40 -7.53 13.46 1.08
CA THR A 40 -7.49 13.50 -0.40
C THR A 40 -8.77 14.10 -0.95
N LEU A 41 -8.66 14.76 -2.10
CA LEU A 41 -9.77 15.51 -2.71
C LEU A 41 -10.20 14.80 -3.99
N VAL A 42 -11.03 13.76 -3.87
CA VAL A 42 -11.45 12.91 -5.01
C VAL A 42 -12.53 13.64 -5.82
N LEU A 43 -12.25 13.93 -7.09
CA LEU A 43 -13.20 14.52 -8.06
C LEU A 43 -13.71 13.39 -8.93
N ASN A 44 -15.03 13.18 -9.03
CA ASN A 44 -15.55 12.26 -10.08
C ASN A 44 -15.63 13.10 -11.35
N MET A 45 -14.76 12.83 -12.32
CA MET A 45 -14.50 13.78 -13.43
C MET A 45 -15.63 13.71 -14.46
N GLN A 46 -16.61 12.81 -14.24
CA GLN A 46 -17.70 12.56 -15.22
C GLN A 46 -19.09 12.92 -14.66
N THR A 47 -19.24 13.12 -13.33
CA THR A 47 -20.49 13.62 -12.70
C THR A 47 -20.31 15.05 -12.13
N ASN A 48 -19.10 15.60 -12.14
CA ASN A 48 -18.81 16.96 -11.63
C ASN A 48 -19.35 17.06 -10.20
N LYS A 49 -19.06 16.03 -9.40
CA LYS A 49 -19.09 16.11 -7.90
C LYS A 49 -17.73 15.63 -7.38
N PHE A 50 -17.50 15.86 -6.11
CA PHE A 50 -16.19 15.62 -5.47
C PHE A 50 -16.38 15.60 -3.96
N GLY A 51 -15.46 14.98 -3.27
CA GLY A 51 -15.50 14.90 -1.81
C GLY A 51 -14.12 14.96 -1.23
N ILE A 52 -14.03 15.45 0.00
CA ILE A 52 -12.78 15.33 0.79
C ILE A 52 -12.89 14.02 1.56
N ILE A 53 -12.09 13.04 1.14
CA ILE A 53 -12.16 11.62 1.55
C ILE A 53 -10.97 11.39 2.46
N GLY A 54 -11.17 10.71 3.59
CA GLY A 54 -10.11 10.25 4.51
C GLY A 54 -10.25 8.77 4.69
N THR A 55 -9.47 8.12 5.55
CA THR A 55 -9.64 6.66 5.78
C THR A 55 -11.08 6.40 6.21
N ASP A 56 -11.64 7.28 7.04
CA ASP A 56 -12.96 7.07 7.67
C ASP A 56 -14.04 7.20 6.59
N ASP A 57 -14.18 8.40 6.02
CA ASP A 57 -15.24 8.68 5.01
C ASP A 57 -15.53 7.40 4.20
N LEU A 58 -14.54 6.52 4.01
CA LEU A 58 -14.65 5.28 3.20
C LEU A 58 -15.56 4.26 3.90
N LYS A 59 -15.20 3.84 5.13
CA LYS A 59 -15.88 2.78 5.92
C LYS A 59 -17.36 3.16 6.17
N GLU A 60 -17.68 4.45 6.40
CA GLU A 60 -19.07 4.99 6.40
C GLU A 60 -19.77 4.56 5.10
N GLU A 61 -20.47 3.44 5.14
CA GLU A 61 -21.00 2.71 3.95
C GLU A 61 -21.87 3.67 3.10
N GLY A 62 -22.05 3.33 1.82
CA GLY A 62 -22.84 4.12 0.86
C GLY A 62 -22.32 5.53 0.72
N TYR A 63 -21.29 5.88 1.49
CA TYR A 63 -20.76 7.25 1.52
C TYR A 63 -20.41 7.74 0.12
N ILE A 64 -19.39 7.12 -0.44
CA ILE A 64 -18.83 7.54 -1.76
C ILE A 64 -19.93 7.68 -2.78
N ALA A 65 -20.76 6.65 -2.90
CA ALA A 65 -21.86 6.65 -3.88
C ALA A 65 -22.69 7.90 -3.69
N HIS A 66 -23.09 8.18 -2.47
CA HIS A 66 -23.89 9.38 -2.21
C HIS A 66 -23.14 10.60 -2.70
N ILE A 67 -21.93 10.79 -2.20
CA ILE A 67 -21.29 12.09 -2.48
C ILE A 67 -20.95 12.28 -3.96
N LEU A 68 -20.18 11.40 -4.55
CA LEU A 68 -19.72 11.55 -5.97
C LEU A 68 -20.90 11.34 -6.93
N GLY A 69 -22.07 10.98 -6.39
CA GLY A 69 -23.32 10.83 -7.16
C GLY A 69 -23.24 9.70 -8.16
N VAL A 70 -23.02 8.48 -7.65
CA VAL A 70 -23.02 7.21 -8.43
C VAL A 70 -23.78 6.18 -7.59
N ASN A 71 -24.48 5.26 -8.25
CA ASN A 71 -25.15 4.09 -7.61
C ASN A 71 -24.06 3.24 -6.94
N ALA A 72 -24.38 2.60 -5.82
CA ALA A 72 -23.38 2.12 -4.83
C ALA A 72 -22.66 0.88 -5.33
N GLU A 73 -23.17 0.23 -6.39
CA GLU A 73 -22.36 -0.68 -7.26
C GLU A 73 -21.09 0.10 -7.65
N GLU A 74 -21.26 1.15 -8.48
CA GLU A 74 -20.20 2.11 -8.88
C GLU A 74 -19.48 2.62 -7.63
N GLY A 75 -20.23 3.05 -6.62
CA GLY A 75 -19.71 3.40 -5.28
C GLY A 75 -18.65 2.43 -4.81
N ASP A 76 -18.98 1.15 -4.73
CA ASP A 76 -18.07 0.12 -4.15
C ASP A 76 -16.77 0.06 -4.96
N GLU A 77 -16.86 -0.09 -6.28
CA GLU A 77 -15.67 -0.26 -7.15
C GLU A 77 -14.65 0.81 -6.74
N ILE A 78 -15.12 2.06 -6.62
CA ILE A 78 -14.28 3.27 -6.34
C ILE A 78 -13.72 3.19 -4.93
N THR A 79 -14.57 2.87 -3.96
CA THR A 79 -14.17 2.70 -2.53
C THR A 79 -13.02 1.69 -2.47
N GLU A 80 -13.20 0.55 -3.14
CA GLU A 80 -12.18 -0.52 -3.31
C GLU A 80 -10.90 0.15 -3.78
N TYR A 81 -10.99 0.92 -4.88
CA TYR A 81 -9.82 1.60 -5.49
C TYR A 81 -9.19 2.55 -4.48
N LEU A 82 -9.98 3.50 -4.03
CA LEU A 82 -9.50 4.51 -3.07
C LEU A 82 -8.90 3.80 -1.89
N ASN A 83 -9.37 2.60 -1.62
CA ASN A 83 -8.85 1.91 -0.42
C ASN A 83 -7.36 1.61 -0.55
N GLU A 84 -6.89 1.34 -1.77
CA GLU A 84 -5.45 1.02 -2.01
C GLU A 84 -4.65 2.32 -2.12
N VAL A 85 -5.31 3.42 -2.48
CA VAL A 85 -4.62 4.74 -2.63
C VAL A 85 -5.05 5.67 -1.50
N ILE A 86 -4.80 5.27 -0.25
CA ILE A 86 -5.19 6.09 0.94
C ILE A 86 -4.45 5.57 2.17
N HIS A 87 -3.94 6.48 3.01
CA HIS A 87 -3.20 6.09 4.25
C HIS A 87 -3.89 6.73 5.46
N LEU A 88 -3.09 7.09 6.48
CA LEU A 88 -3.64 7.72 7.72
C LEU A 88 -2.67 8.82 8.19
N GLU A 89 -3.20 10.02 8.47
CA GLU A 89 -2.39 11.18 8.94
C GLU A 89 -1.12 11.34 8.07
N ILE B 1 -11.75 -4.61 -11.64
CA ILE B 1 -10.87 -3.50 -11.19
C ILE B 1 -9.56 -3.59 -11.94
N ASP B 2 -9.59 -4.30 -13.07
CA ASP B 2 -8.40 -4.51 -13.92
C ASP B 2 -8.45 -3.56 -15.12
N MET B 3 -7.31 -3.47 -15.81
CA MET B 3 -7.05 -2.64 -17.01
C MET B 3 -7.18 -1.16 -16.68
N TYR B 4 -6.10 -0.50 -16.29
CA TYR B 4 -6.21 0.96 -16.06
C TYR B 4 -6.16 1.64 -17.42
N LEU B 5 -6.70 2.84 -17.53
CA LEU B 5 -6.68 3.53 -18.84
C LEU B 5 -5.59 4.59 -18.85
N TYR B 6 -5.41 5.29 -17.72
CA TYR B 6 -4.38 6.35 -17.61
C TYR B 6 -4.08 6.64 -16.14
N ASP B 7 -2.82 6.93 -15.83
CA ASP B 7 -2.37 7.25 -14.45
C ASP B 7 -1.29 8.34 -14.53
N ASP B 8 -1.69 9.56 -14.93
CA ASP B 8 -0.75 10.69 -15.09
C ASP B 8 -0.58 11.45 -13.78
N ASN B 9 0.20 12.53 -13.82
CA ASN B 9 0.50 13.38 -12.66
C ASN B 9 0.77 14.78 -13.20
N GLU B 10 0.49 15.79 -12.42
CA GLU B 10 0.77 17.14 -12.93
C GLU B 10 1.07 18.01 -11.74
N GLU B 11 2.22 18.70 -11.73
CA GLU B 11 2.41 19.63 -10.60
C GLU B 11 1.48 20.78 -10.90
N SER B 12 0.78 21.33 -9.92
CA SER B 12 -0.10 22.42 -10.35
C SER B 12 -0.25 23.55 -9.35
N GLN B 13 -0.62 24.71 -9.90
CA GLN B 13 -0.90 25.93 -9.13
C GLN B 13 -2.35 25.84 -8.74
N VAL B 14 -2.63 25.53 -7.49
CA VAL B 14 -4.03 25.47 -7.04
C VAL B 14 -4.17 26.59 -6.03
N GLN B 15 -5.23 27.37 -6.09
CA GLN B 15 -5.35 28.47 -5.11
C GLN B 15 -6.76 28.46 -4.55
N PHE B 16 -6.92 28.89 -3.30
CA PHE B 16 -8.25 28.91 -2.68
C PHE B 16 -8.63 30.34 -2.39
N VAL B 17 -9.88 30.70 -2.66
CA VAL B 17 -10.44 32.05 -2.39
C VAL B 17 -11.68 31.86 -1.53
N GLY B 18 -11.78 32.68 -0.50
CA GLY B 18 -12.99 32.90 0.31
C GLY B 18 -13.43 34.34 0.20
N PHE B 19 -14.66 34.54 -0.21
CA PHE B 19 -15.28 35.88 -0.20
C PHE B 19 -16.73 35.75 0.23
N VAL B 20 -17.24 36.88 0.69
CA VAL B 20 -18.59 37.00 1.29
C VAL B 20 -19.36 38.02 0.43
N GLY B 21 -20.46 37.57 -0.19
CA GLY B 21 -21.40 38.37 -1.00
C GLY B 21 -22.26 39.27 -0.15
N GLU B 22 -23.39 39.77 -0.70
CA GLU B 22 -24.39 40.58 0.07
C GLU B 22 -25.10 39.68 1.09
N HIS B 23 -25.34 38.42 0.75
CA HIS B 23 -26.15 37.51 1.60
C HIS B 23 -25.35 36.31 2.06
N SER B 24 -24.59 35.70 1.17
CA SER B 24 -24.01 34.35 1.39
C SER B 24 -22.51 34.47 1.70
N ARG B 25 -21.86 33.41 2.17
CA ARG B 25 -20.38 33.21 2.06
C ARG B 25 -20.10 32.29 0.87
N TYR B 26 -18.91 32.41 0.29
CA TYR B 26 -18.44 31.56 -0.82
C TYR B 26 -17.07 31.00 -0.45
N ASP B 27 -16.86 29.70 -0.64
CA ASP B 27 -15.51 29.07 -0.52
C ASP B 27 -15.28 28.23 -1.78
N LEU B 28 -14.47 28.78 -2.68
CA LEU B 28 -14.12 28.14 -3.97
C LEU B 28 -12.65 27.70 -3.91
N MET B 29 -12.32 26.84 -4.86
CA MET B 29 -10.98 26.25 -5.07
C MET B 29 -10.77 26.14 -6.58
N LEU B 30 -9.96 27.03 -7.13
CA LEU B 30 -9.50 26.91 -8.54
C LEU B 30 -8.31 25.95 -8.57
N VAL B 31 -8.33 25.04 -9.53
CA VAL B 31 -7.14 24.29 -9.98
C VAL B 31 -7.03 24.56 -11.46
N HIS B 32 -5.97 25.27 -11.89
CA HIS B 32 -5.52 25.35 -13.30
C HIS B 32 -4.63 24.14 -13.52
N THR B 33 -4.90 23.31 -14.54
CA THR B 33 -3.92 22.31 -15.07
C THR B 33 -3.92 22.26 -16.59
N ASN B 34 -2.75 21.87 -17.10
CA ASN B 34 -2.43 21.66 -18.53
C ASN B 34 -3.47 20.73 -19.13
N ARG B 35 -3.78 19.64 -18.42
CA ARG B 35 -4.60 18.53 -18.98
C ARG B 35 -5.90 19.10 -19.57
N HIS B 36 -6.42 20.25 -19.08
CA HIS B 36 -7.50 21.05 -19.73
C HIS B 36 -7.00 22.47 -19.94
N TYR B 37 -6.15 22.69 -20.94
CA TYR B 37 -5.29 23.89 -21.03
C TYR B 37 -6.16 25.14 -20.97
N GLY B 38 -7.26 25.15 -21.74
CA GLY B 38 -8.11 26.34 -21.94
C GLY B 38 -8.84 26.82 -20.68
N LYS B 39 -9.09 25.93 -19.74
CA LYS B 39 -10.19 26.11 -18.78
C LYS B 39 -9.58 25.96 -17.39
N THR B 40 -10.04 26.75 -16.43
CA THR B 40 -9.69 26.61 -14.99
C THR B 40 -10.86 25.82 -14.39
N LEU B 41 -10.60 24.86 -13.51
CA LEU B 41 -11.73 24.09 -12.92
C LEU B 41 -11.98 24.64 -11.51
N VAL B 42 -13.25 24.66 -11.11
CA VAL B 42 -13.75 25.45 -9.95
C VAL B 42 -14.59 24.52 -9.10
N LEU B 43 -14.05 24.15 -7.96
CA LEU B 43 -14.79 23.43 -6.91
C LEU B 43 -15.43 24.50 -6.03
N ASN B 44 -16.71 24.32 -5.77
CA ASN B 44 -17.42 25.04 -4.69
C ASN B 44 -17.33 24.12 -3.46
N MET B 45 -16.53 24.53 -2.47
CA MET B 45 -16.11 23.67 -1.33
C MET B 45 -17.28 23.42 -0.36
N GLN B 46 -18.37 24.18 -0.43
CA GLN B 46 -19.54 24.08 0.49
C GLN B 46 -20.73 23.39 -0.19
N THR B 47 -20.58 22.98 -1.44
CA THR B 47 -21.66 22.42 -2.28
C THR B 47 -21.23 21.05 -2.84
N ASN B 48 -19.93 20.71 -2.77
CA ASN B 48 -19.32 19.42 -3.22
C ASN B 48 -19.72 19.10 -4.68
N LYS B 49 -19.99 20.16 -5.47
CA LYS B 49 -20.07 20.13 -6.94
C LYS B 49 -18.85 20.88 -7.47
N PHE B 50 -18.56 20.77 -8.76
CA PHE B 50 -17.44 21.48 -9.42
C PHE B 50 -17.68 21.54 -10.92
N GLY B 51 -16.74 22.12 -11.66
CA GLY B 51 -16.81 22.08 -13.12
C GLY B 51 -15.68 22.86 -13.79
N ILE B 52 -15.54 22.64 -15.09
CA ILE B 52 -14.36 23.04 -15.91
C ILE B 52 -14.78 24.19 -16.83
N ILE B 53 -14.45 25.42 -16.43
CA ILE B 53 -15.05 26.66 -16.98
C ILE B 53 -14.09 27.31 -17.98
N GLY B 54 -14.61 27.68 -19.15
CA GLY B 54 -13.87 28.47 -20.16
C GLY B 54 -14.27 29.94 -20.13
N THR B 55 -13.56 30.76 -20.91
CA THR B 55 -13.89 32.19 -21.15
C THR B 55 -15.36 32.32 -21.57
N ASP B 56 -15.93 31.26 -22.15
CA ASP B 56 -17.22 31.31 -22.86
C ASP B 56 -18.34 30.67 -22.03
N ASP B 57 -18.00 29.89 -21.00
CA ASP B 57 -19.01 29.27 -20.11
C ASP B 57 -19.50 30.34 -19.12
N LEU B 58 -18.78 31.46 -18.98
CA LEU B 58 -19.22 32.60 -18.12
C LEU B 58 -20.31 33.37 -18.84
N LYS B 59 -20.21 33.49 -20.16
CA LYS B 59 -21.10 34.35 -20.96
C LYS B 59 -22.46 33.65 -21.15
N GLU B 60 -22.63 32.42 -20.63
CA GLU B 60 -23.92 31.66 -20.65
C GLU B 60 -24.69 31.89 -19.36
N GLU B 61 -25.88 32.51 -19.46
CA GLU B 61 -26.71 32.86 -18.30
C GLU B 61 -27.05 31.58 -17.53
N GLY B 62 -26.88 31.62 -16.19
CA GLY B 62 -27.38 30.60 -15.25
C GLY B 62 -26.62 29.29 -15.33
N TYR B 63 -25.51 29.28 -16.06
CA TYR B 63 -24.73 28.05 -16.32
C TYR B 63 -23.86 27.79 -15.08
N ILE B 64 -23.09 28.81 -14.70
CA ILE B 64 -22.24 28.85 -13.46
C ILE B 64 -23.13 28.46 -12.28
N ALA B 65 -24.29 29.10 -12.20
CA ALA B 65 -25.27 28.90 -11.12
C ALA B 65 -25.66 27.42 -11.07
N HIS B 66 -25.70 26.76 -12.24
CA HIS B 66 -26.11 25.34 -12.38
C HIS B 66 -24.94 24.45 -11.97
N ILE B 67 -23.87 24.54 -12.75
CA ILE B 67 -22.69 23.64 -12.61
C ILE B 67 -22.34 23.46 -11.15
N LEU B 68 -22.32 24.55 -10.38
CA LEU B 68 -21.96 24.48 -8.94
C LEU B 68 -23.24 24.27 -8.11
N GLY B 69 -24.41 24.41 -8.74
CA GLY B 69 -25.69 24.23 -8.04
C GLY B 69 -25.92 25.29 -6.98
N VAL B 70 -26.20 26.52 -7.41
CA VAL B 70 -26.44 27.66 -6.48
C VAL B 70 -27.57 28.54 -7.04
N ASN B 71 -28.02 29.53 -6.27
CA ASN B 71 -29.11 30.44 -6.72
C ASN B 71 -28.53 31.44 -7.71
N ALA B 72 -29.37 32.01 -8.58
CA ALA B 72 -28.91 32.99 -9.60
C ALA B 72 -28.16 34.11 -8.86
N GLU B 73 -28.52 34.41 -7.60
CA GLU B 73 -27.85 35.47 -6.80
C GLU B 73 -26.38 35.06 -6.63
N GLU B 74 -26.13 33.90 -6.05
CA GLU B 74 -24.77 33.36 -5.84
C GLU B 74 -24.04 33.21 -7.18
N GLY B 75 -24.65 32.53 -8.13
CA GLY B 75 -24.13 32.32 -9.49
C GLY B 75 -23.51 33.60 -10.02
N ASP B 76 -24.26 34.70 -9.97
CA ASP B 76 -23.74 36.05 -10.34
C ASP B 76 -22.48 36.40 -9.53
N GLU B 77 -22.58 36.51 -8.19
CA GLU B 77 -21.49 36.93 -7.25
C GLU B 77 -20.20 36.14 -7.55
N ILE B 78 -20.30 34.86 -7.89
CA ILE B 78 -19.15 34.01 -8.28
C ILE B 78 -18.71 34.40 -9.69
N THR B 79 -19.65 34.49 -10.62
CA THR B 79 -19.31 34.79 -12.03
C THR B 79 -18.53 36.09 -12.00
N GLU B 80 -18.94 37.00 -11.10
CA GLU B 80 -18.32 38.32 -10.81
C GLU B 80 -16.82 38.13 -10.55
N TYR B 81 -16.50 37.25 -9.61
CA TYR B 81 -15.11 36.92 -9.18
C TYR B 81 -14.39 36.23 -10.35
N LEU B 82 -14.98 35.16 -10.88
CA LEU B 82 -14.35 34.26 -11.88
C LEU B 82 -14.03 35.05 -13.15
N ASN B 83 -14.71 36.18 -13.38
CA ASN B 83 -14.51 37.04 -14.58
C ASN B 83 -13.16 37.74 -14.47
N GLU B 84 -12.71 38.07 -13.26
CA GLU B 84 -11.38 38.70 -13.06
C GLU B 84 -10.28 37.63 -13.31
N VAL B 85 -10.57 36.33 -13.17
CA VAL B 85 -9.55 35.25 -13.24
C VAL B 85 -9.40 34.68 -14.66
N ILE B 86 -10.46 34.13 -15.27
CA ILE B 86 -10.48 33.73 -16.72
C ILE B 86 -10.44 35.03 -17.57
N HIS B 87 -9.76 35.03 -18.73
CA HIS B 87 -9.25 36.23 -19.43
C HIS B 87 -8.99 37.36 -18.43
N ILE C 1 37.10 -4.67 -21.79
CA ILE C 1 38.33 -4.01 -21.24
C ILE C 1 39.41 -3.99 -22.31
N ASP C 2 39.17 -4.68 -23.44
CA ASP C 2 40.16 -4.74 -24.55
C ASP C 2 39.54 -4.12 -25.80
N MET C 3 38.21 -4.01 -25.85
CA MET C 3 37.49 -3.43 -27.00
C MET C 3 36.07 -3.10 -26.62
N TYR C 4 35.60 -1.90 -26.93
CA TYR C 4 34.21 -1.53 -26.63
C TYR C 4 33.37 -1.81 -27.87
N LEU C 5 32.11 -2.14 -27.69
CA LEU C 5 31.16 -2.41 -28.79
C LEU C 5 30.19 -1.23 -28.96
N TYR C 6 29.42 -0.87 -27.94
CA TYR C 6 28.38 0.19 -28.03
C TYR C 6 28.10 0.81 -26.66
N ASP C 7 27.86 2.13 -26.63
CA ASP C 7 27.47 2.92 -25.44
C ASP C 7 26.39 3.92 -25.86
N ASP C 8 25.17 3.42 -26.02
CA ASP C 8 23.97 4.22 -26.39
C ASP C 8 23.24 4.56 -25.12
N ASN C 9 22.79 5.80 -24.93
CA ASN C 9 21.84 6.14 -23.83
C ASN C 9 20.60 6.81 -24.44
N GLU C 10 19.60 5.99 -24.79
CA GLU C 10 18.22 6.47 -25.09
C GLU C 10 17.55 6.83 -23.77
N GLU C 11 16.57 7.74 -23.82
CA GLU C 11 15.77 8.16 -22.65
C GLU C 11 14.56 7.24 -22.55
N SER C 12 14.07 7.04 -21.33
CA SER C 12 13.15 5.94 -20.96
C SER C 12 12.39 6.33 -19.70
N GLN C 13 11.09 5.95 -19.64
CA GLN C 13 10.13 6.14 -18.51
C GLN C 13 10.28 5.00 -17.51
N VAL C 14 10.66 5.32 -16.26
CA VAL C 14 10.80 4.35 -15.12
C VAL C 14 9.80 4.74 -14.03
N GLN C 15 9.41 3.75 -13.23
CA GLN C 15 8.29 3.81 -12.26
C GLN C 15 8.68 2.96 -11.05
N PHE C 16 8.74 3.57 -9.86
CA PHE C 16 9.04 2.88 -8.60
C PHE C 16 7.74 2.63 -7.82
N VAL C 17 6.97 1.58 -8.15
CA VAL C 17 5.82 1.14 -7.31
C VAL C 17 6.36 0.33 -6.15
N GLY C 18 5.52 0.24 -5.14
CA GLY C 18 5.68 -0.58 -3.93
C GLY C 18 4.30 -0.83 -3.37
N PHE C 19 4.03 -2.01 -2.82
CA PHE C 19 2.69 -2.27 -2.28
C PHE C 19 2.71 -3.49 -1.39
N VAL C 20 1.50 -3.90 -0.99
CA VAL C 20 1.29 -4.88 0.09
C VAL C 20 0.20 -5.85 -0.35
N GLY C 21 0.58 -7.13 -0.40
CA GLY C 21 -0.33 -8.24 -0.69
C GLY C 21 -0.95 -8.75 0.58
N GLU C 22 -1.94 -9.64 0.48
CA GLU C 22 -2.46 -10.31 1.69
C GLU C 22 -1.34 -10.34 2.75
N HIS C 23 -0.21 -11.04 2.55
CA HIS C 23 0.79 -11.27 3.64
C HIS C 23 2.13 -10.59 3.33
N SER C 24 2.26 -10.07 2.12
CA SER C 24 3.58 -9.83 1.48
C SER C 24 3.81 -8.34 1.16
N ARG C 25 5.05 -7.91 1.28
CA ARG C 25 5.45 -6.58 0.75
C ARG C 25 6.23 -6.74 -0.54
N TYR C 26 5.82 -6.02 -1.57
CA TYR C 26 6.53 -5.92 -2.85
C TYR C 26 7.15 -4.53 -2.97
N ASP C 27 8.37 -4.48 -3.48
CA ASP C 27 8.99 -3.27 -4.03
C ASP C 27 9.43 -3.62 -5.45
N LEU C 28 9.03 -2.81 -6.42
CA LEU C 28 9.27 -3.07 -7.86
C LEU C 28 9.80 -1.79 -8.51
N MET C 29 10.05 -1.89 -9.81
CA MET C 29 10.54 -0.83 -10.72
C MET C 29 10.25 -1.27 -12.16
N LEU C 30 9.65 -0.39 -12.96
CA LEU C 30 9.12 -0.78 -14.29
C LEU C 30 9.61 0.21 -15.35
N VAL C 31 10.52 -0.25 -16.21
CA VAL C 31 11.22 0.60 -17.20
C VAL C 31 10.73 0.19 -18.59
N HIS C 32 9.87 0.98 -19.23
CA HIS C 32 9.52 0.79 -20.68
C HIS C 32 10.53 1.65 -21.45
N THR C 33 11.34 1.02 -22.32
CA THR C 33 12.28 1.68 -23.27
C THR C 33 11.67 1.58 -24.66
N ASN C 34 12.32 2.20 -25.65
CA ASN C 34 12.08 1.99 -27.10
C ASN C 34 12.81 0.73 -27.53
N ARG C 35 13.99 0.49 -26.94
CA ARG C 35 14.93 -0.57 -27.35
C ARG C 35 14.28 -1.95 -27.19
N HIS C 36 13.17 -2.03 -26.47
CA HIS C 36 12.50 -3.34 -26.30
C HIS C 36 11.39 -3.46 -27.35
N TYR C 37 10.87 -4.68 -27.57
CA TYR C 37 9.77 -4.87 -28.55
C TYR C 37 8.44 -4.60 -27.83
N GLY C 38 8.17 -3.32 -27.56
CA GLY C 38 6.96 -2.90 -26.83
C GLY C 38 6.79 -3.73 -25.57
N LYS C 39 7.90 -4.12 -24.91
CA LYS C 39 7.73 -4.95 -23.68
C LYS C 39 8.19 -4.16 -22.47
N THR C 40 7.65 -4.49 -21.30
CA THR C 40 7.98 -3.74 -20.07
C THR C 40 8.97 -4.57 -19.26
N LEU C 41 10.04 -3.93 -18.85
CA LEU C 41 11.14 -4.54 -18.08
C LEU C 41 10.89 -4.31 -16.59
N VAL C 42 10.83 -5.39 -15.82
CA VAL C 42 10.40 -5.39 -14.38
C VAL C 42 11.58 -5.80 -13.50
N LEU C 43 12.19 -4.88 -12.78
CA LEU C 43 13.12 -5.27 -11.71
C LEU C 43 12.28 -5.57 -10.48
N ASN C 44 12.53 -6.72 -9.88
CA ASN C 44 12.23 -7.00 -8.46
C ASN C 44 13.32 -6.32 -7.63
N MET C 45 13.00 -5.23 -6.92
CA MET C 45 14.00 -4.39 -6.20
C MET C 45 14.57 -5.18 -5.03
N GLN C 46 13.90 -6.25 -4.58
CA GLN C 46 14.31 -7.03 -3.38
C GLN C 46 14.82 -8.44 -3.72
N THR C 47 14.64 -8.98 -4.94
CA THR C 47 15.31 -10.27 -5.33
C THR C 47 16.55 -10.00 -6.20
N ASN C 48 16.75 -8.77 -6.70
CA ASN C 48 17.84 -8.42 -7.63
C ASN C 48 17.87 -9.46 -8.77
N LYS C 49 16.69 -9.83 -9.25
CA LYS C 49 16.46 -10.46 -10.57
C LYS C 49 15.45 -9.58 -11.31
N PHE C 50 15.33 -9.72 -12.62
CA PHE C 50 14.40 -8.93 -13.47
C PHE C 50 14.04 -9.71 -14.73
N GLY C 51 12.99 -9.23 -15.39
CA GLY C 51 12.43 -9.83 -16.61
C GLY C 51 11.96 -8.75 -17.57
N ILE C 52 12.10 -9.02 -18.86
CA ILE C 52 11.44 -8.25 -19.95
C ILE C 52 10.17 -9.03 -20.26
N ILE C 53 9.01 -8.43 -20.03
CA ILE C 53 7.71 -9.13 -20.01
C ILE C 53 6.87 -8.66 -21.21
N GLY C 54 6.18 -9.60 -21.87
CA GLY C 54 5.06 -9.36 -22.81
C GLY C 54 3.74 -9.64 -22.12
N THR C 55 2.60 -9.63 -22.81
CA THR C 55 1.38 -10.31 -22.32
C THR C 55 1.68 -11.80 -22.35
N ASP C 56 2.24 -12.24 -23.47
CA ASP C 56 2.56 -13.65 -23.77
C ASP C 56 3.34 -14.28 -22.61
N ASP C 57 4.04 -13.49 -21.82
CA ASP C 57 4.75 -14.16 -20.70
C ASP C 57 3.80 -14.19 -19.51
N LEU C 58 2.79 -13.34 -19.52
CA LEU C 58 1.91 -13.33 -18.33
C LEU C 58 1.07 -14.60 -18.33
N LYS C 59 0.35 -14.83 -19.42
CA LYS C 59 -0.52 -16.00 -19.61
C LYS C 59 0.21 -17.26 -19.13
N GLU C 60 1.38 -17.53 -19.69
CA GLU C 60 2.19 -18.71 -19.25
C GLU C 60 2.38 -18.56 -17.76
N GLU C 61 1.83 -19.49 -16.98
CA GLU C 61 1.86 -19.30 -15.51
C GLU C 61 3.20 -19.76 -14.92
N GLY C 62 3.37 -19.50 -13.63
CA GLY C 62 4.62 -19.83 -12.89
C GLY C 62 5.84 -19.04 -13.37
N TYR C 63 5.65 -18.16 -14.35
CA TYR C 63 6.76 -17.47 -15.05
C TYR C 63 7.32 -16.42 -14.10
N ILE C 64 6.48 -15.47 -13.70
CA ILE C 64 6.90 -14.32 -12.84
C ILE C 64 7.54 -14.88 -11.57
N ALA C 65 6.91 -15.88 -10.95
CA ALA C 65 7.48 -16.62 -9.82
C ALA C 65 8.94 -16.95 -10.16
N HIS C 66 9.13 -17.68 -11.26
CA HIS C 66 10.44 -18.13 -11.78
C HIS C 66 11.35 -16.91 -12.00
N ILE C 67 10.98 -15.99 -12.91
CA ILE C 67 11.91 -14.97 -13.50
C ILE C 67 12.35 -13.95 -12.44
N LEU C 68 11.49 -13.61 -11.47
CA LEU C 68 11.79 -12.62 -10.40
C LEU C 68 12.21 -13.31 -9.11
N GLY C 69 12.20 -14.64 -9.07
CA GLY C 69 12.63 -15.43 -7.89
C GLY C 69 11.77 -15.16 -6.67
N VAL C 70 10.45 -15.28 -6.84
CA VAL C 70 9.47 -15.27 -5.73
C VAL C 70 8.65 -16.53 -5.89
N ASN C 71 8.09 -17.08 -4.80
CA ASN C 71 7.14 -18.23 -4.84
C ASN C 71 5.77 -17.78 -5.38
N ALA C 72 4.94 -18.72 -5.85
CA ALA C 72 3.83 -18.44 -6.79
C ALA C 72 2.63 -17.85 -6.05
N GLU C 73 2.71 -17.67 -4.73
CA GLU C 73 1.79 -16.75 -3.98
C GLU C 73 2.14 -15.34 -4.45
N GLU C 74 3.38 -14.92 -4.17
CA GLU C 74 3.90 -13.58 -4.54
C GLU C 74 3.74 -13.44 -6.05
N GLY C 75 4.45 -14.26 -6.82
CA GLY C 75 4.43 -14.27 -8.30
C GLY C 75 3.03 -14.07 -8.87
N ASP C 76 2.02 -14.70 -8.26
CA ASP C 76 0.61 -14.54 -8.72
C ASP C 76 0.18 -13.10 -8.41
N GLU C 77 0.34 -12.69 -7.15
CA GLU C 77 0.02 -11.32 -6.69
C GLU C 77 0.67 -10.32 -7.62
N ILE C 78 1.97 -10.43 -7.84
CA ILE C 78 2.65 -9.45 -8.72
C ILE C 78 2.03 -9.52 -10.11
N THR C 79 1.79 -10.72 -10.61
CA THR C 79 1.14 -10.85 -11.92
C THR C 79 -0.17 -10.10 -11.88
N GLU C 80 -0.95 -10.38 -10.83
CA GLU C 80 -2.29 -9.79 -10.65
C GLU C 80 -2.17 -8.29 -10.78
N TYR C 81 -0.98 -7.77 -10.55
CA TYR C 81 -0.83 -6.31 -10.62
C TYR C 81 -0.60 -5.95 -12.06
N LEU C 82 0.39 -6.60 -12.64
CA LEU C 82 0.84 -6.33 -14.02
C LEU C 82 -0.31 -6.33 -15.01
N ASN C 83 -1.25 -7.26 -14.93
CA ASN C 83 -2.39 -7.23 -15.86
C ASN C 83 -3.14 -5.91 -15.76
N GLU C 84 -3.34 -5.37 -14.56
CA GLU C 84 -4.11 -4.11 -14.45
C GLU C 84 -3.45 -3.01 -15.28
N VAL C 85 -2.14 -2.89 -15.17
CA VAL C 85 -1.43 -1.76 -15.81
C VAL C 85 -0.77 -2.19 -17.12
N ILE C 86 -1.35 -1.86 -18.26
CA ILE C 86 -0.74 -2.19 -19.58
C ILE C 86 -1.08 -1.08 -20.56
N HIS C 87 -0.16 -0.13 -20.71
CA HIS C 87 -0.31 1.06 -21.60
C HIS C 87 1.02 1.80 -21.72
N ILE D 1 -2.70 -7.28 -2.38
CA ILE D 1 -3.19 -6.79 -3.69
C ILE D 1 -3.59 -5.33 -3.53
N ASP D 2 -3.70 -4.86 -2.27
CA ASP D 2 -4.27 -3.57 -1.76
C ASP D 2 -3.22 -2.72 -1.03
N MET D 3 -3.61 -1.54 -0.53
CA MET D 3 -2.70 -0.55 0.11
C MET D 3 -1.38 -0.49 -0.66
N TYR D 4 -1.29 0.36 -1.70
CA TYR D 4 -0.01 0.79 -2.32
C TYR D 4 0.80 1.66 -1.35
N LEU D 5 2.11 1.44 -1.30
CA LEU D 5 3.08 2.17 -0.43
C LEU D 5 3.54 3.48 -1.10
N TYR D 6 3.89 3.44 -2.39
CA TYR D 6 4.44 4.58 -3.19
C TYR D 6 4.28 4.24 -4.68
N ASP D 7 4.21 5.25 -5.52
CA ASP D 7 4.02 4.98 -6.96
C ASP D 7 4.51 6.21 -7.71
N ASP D 8 5.81 6.40 -7.78
CA ASP D 8 6.37 7.61 -8.40
C ASP D 8 6.76 7.35 -9.84
N ASN D 9 5.93 7.72 -10.80
CA ASN D 9 6.39 7.53 -12.18
C ASN D 9 7.38 8.63 -12.48
N GLU D 10 8.42 8.37 -13.27
CA GLU D 10 9.40 9.42 -13.62
C GLU D 10 10.18 8.97 -14.86
N GLU D 11 10.62 9.90 -15.69
CA GLU D 11 11.37 9.57 -16.93
C GLU D 11 12.86 9.67 -16.63
N SER D 12 13.69 8.85 -17.28
CA SER D 12 15.15 8.86 -17.05
C SER D 12 15.89 8.15 -18.19
N GLN D 13 17.02 8.70 -18.64
CA GLN D 13 17.83 8.08 -19.71
C GLN D 13 18.46 6.80 -19.17
N VAL D 14 18.45 5.72 -19.96
CA VAL D 14 19.02 4.41 -19.50
C VAL D 14 20.08 3.94 -20.48
N GLN D 15 21.36 4.14 -20.14
CA GLN D 15 22.49 3.67 -21.00
C GLN D 15 22.45 2.14 -21.12
N PHE D 16 22.40 1.61 -22.34
CA PHE D 16 22.83 0.23 -22.66
C PHE D 16 24.30 0.29 -23.09
N VAL D 17 25.15 -0.56 -22.53
CA VAL D 17 26.54 -0.70 -23.05
C VAL D 17 26.81 -2.18 -23.33
N GLY D 18 27.51 -2.41 -24.44
CA GLY D 18 28.24 -3.65 -24.69
C GLY D 18 29.71 -3.32 -24.75
N PHE D 19 30.54 -4.19 -24.19
CA PHE D 19 32.00 -4.19 -24.37
C PHE D 19 32.45 -5.63 -24.22
N VAL D 20 33.75 -5.88 -24.26
CA VAL D 20 34.23 -7.29 -24.32
C VAL D 20 35.65 -7.36 -23.75
N GLY D 21 35.91 -8.39 -22.96
CA GLY D 21 37.17 -8.52 -22.23
C GLY D 21 37.86 -9.80 -22.59
N GLU D 22 38.89 -10.14 -21.82
CA GLU D 22 39.84 -11.21 -22.19
C GLU D 22 39.10 -12.47 -22.68
N HIS D 23 37.92 -12.81 -22.16
CA HIS D 23 37.32 -14.15 -22.49
C HIS D 23 35.81 -14.09 -22.79
N SER D 24 35.09 -13.03 -22.43
CA SER D 24 33.63 -13.07 -22.55
C SER D 24 33.12 -11.67 -22.88
N ARG D 25 31.95 -11.61 -23.49
CA ARG D 25 31.28 -10.38 -23.99
C ARG D 25 30.38 -9.90 -22.86
N TYR D 26 30.30 -8.61 -22.65
CA TYR D 26 29.40 -8.06 -21.61
C TYR D 26 28.37 -7.17 -22.28
N ASP D 27 27.10 -7.48 -22.07
CA ASP D 27 26.00 -6.53 -22.36
C ASP D 27 25.36 -6.13 -21.03
N LEU D 28 25.25 -4.83 -20.80
CA LEU D 28 24.66 -4.25 -19.57
C LEU D 28 23.65 -3.15 -19.93
N MET D 29 23.12 -2.56 -18.86
CA MET D 29 22.17 -1.42 -18.85
C MET D 29 22.36 -0.63 -17.55
N LEU D 30 22.80 0.61 -17.66
CA LEU D 30 22.99 1.50 -16.50
C LEU D 30 21.81 2.46 -16.47
N VAL D 31 21.09 2.43 -15.35
CA VAL D 31 19.95 3.34 -15.05
C VAL D 31 20.33 4.18 -13.84
N HIS D 32 20.53 5.49 -14.06
CA HIS D 32 20.86 6.47 -13.00
C HIS D 32 19.53 7.14 -12.67
N THR D 33 19.41 7.74 -11.47
CA THR D 33 18.18 8.40 -10.96
C THR D 33 18.44 9.31 -9.76
N ASN D 34 17.56 10.31 -9.58
CA ASN D 34 17.42 11.10 -8.34
C ASN D 34 17.25 10.12 -7.17
N ARG D 35 16.38 9.13 -7.35
CA ARG D 35 15.86 8.18 -6.33
C ARG D 35 16.92 7.86 -5.26
N HIS D 36 17.83 6.89 -5.47
CA HIS D 36 18.89 6.50 -4.50
C HIS D 36 20.19 7.23 -4.87
N TYR D 37 20.15 8.57 -4.81
CA TYR D 37 21.04 9.53 -5.54
C TYR D 37 22.51 9.07 -5.55
N GLY D 38 23.02 8.55 -4.42
CA GLY D 38 24.44 8.18 -4.26
C GLY D 38 24.82 6.89 -4.97
N LYS D 39 23.90 6.28 -5.74
CA LYS D 39 24.07 4.95 -6.39
C LYS D 39 23.32 4.91 -7.73
N THR D 40 23.88 4.19 -8.71
CA THR D 40 23.25 3.85 -10.00
C THR D 40 23.07 2.33 -10.04
N LEU D 41 22.04 1.83 -10.72
CA LEU D 41 21.88 0.35 -10.82
C LEU D 41 22.27 -0.18 -12.21
N VAL D 42 22.70 -1.45 -12.22
CA VAL D 42 23.42 -2.16 -13.30
C VAL D 42 22.64 -3.44 -13.63
N LEU D 43 22.20 -3.57 -14.87
CA LEU D 43 21.38 -4.71 -15.33
C LEU D 43 22.26 -5.61 -16.18
N ASN D 44 22.89 -6.65 -15.62
CA ASN D 44 23.52 -7.69 -16.47
C ASN D 44 22.39 -8.36 -17.29
N MET D 45 22.46 -8.28 -18.62
CA MET D 45 21.30 -8.57 -19.49
C MET D 45 21.42 -10.01 -20.03
N GLN D 46 22.58 -10.65 -19.84
CA GLN D 46 22.80 -12.07 -20.20
C GLN D 46 22.37 -12.97 -19.02
N THR D 47 22.21 -12.40 -17.83
CA THR D 47 22.09 -13.12 -16.53
C THR D 47 20.72 -12.81 -15.87
N ASN D 48 20.02 -11.76 -16.31
CA ASN D 48 18.72 -11.28 -15.74
C ASN D 48 18.83 -11.10 -14.22
N LYS D 49 20.00 -10.68 -13.74
CA LYS D 49 20.32 -10.27 -12.35
C LYS D 49 20.75 -8.81 -12.40
N PHE D 50 20.95 -8.15 -11.27
CA PHE D 50 21.27 -6.69 -11.27
C PHE D 50 21.47 -6.16 -9.86
N GLY D 51 22.07 -4.98 -9.76
CA GLY D 51 22.59 -4.47 -8.49
C GLY D 51 22.47 -2.97 -8.43
N ILE D 52 22.35 -2.43 -7.21
CA ILE D 52 22.29 -0.95 -6.97
C ILE D 52 23.68 -0.60 -6.44
N ILE D 53 24.53 0.01 -7.27
CA ILE D 53 26.01 0.01 -7.07
C ILE D 53 26.50 1.46 -6.97
N GLY D 54 27.21 1.78 -5.89
CA GLY D 54 27.88 3.08 -5.69
C GLY D 54 29.32 2.88 -5.30
N THR D 55 30.13 3.96 -5.35
CA THR D 55 31.61 3.89 -5.21
C THR D 55 31.96 2.89 -4.09
N ASP D 56 31.17 2.85 -3.00
CA ASP D 56 31.44 1.99 -1.82
C ASP D 56 31.29 0.51 -2.20
N ASP D 57 30.36 0.16 -3.08
CA ASP D 57 30.03 -1.26 -3.41
C ASP D 57 31.13 -1.87 -4.28
N LEU D 58 32.01 -1.03 -4.86
CA LEU D 58 33.06 -1.43 -5.85
C LEU D 58 34.41 -1.66 -5.15
N LYS D 59 34.47 -1.55 -3.82
CA LYS D 59 35.69 -1.83 -3.03
C LYS D 59 35.49 -3.13 -2.23
N GLU D 60 34.47 -3.93 -2.61
CA GLU D 60 34.05 -5.17 -1.91
C GLU D 60 34.22 -6.38 -2.83
N GLU D 61 35.18 -7.26 -2.55
CA GLU D 61 35.61 -8.30 -3.54
C GLU D 61 34.61 -9.47 -3.54
N GLY D 62 34.47 -10.14 -4.69
CA GLY D 62 33.48 -11.23 -4.83
C GLY D 62 32.07 -10.68 -4.63
N TYR D 63 31.87 -9.40 -4.92
CA TYR D 63 30.56 -8.73 -4.76
C TYR D 63 29.77 -8.73 -6.08
N ILE D 64 30.24 -7.94 -7.06
CA ILE D 64 29.58 -7.86 -8.41
C ILE D 64 29.38 -9.29 -8.92
N ALA D 65 30.45 -10.08 -8.92
CA ALA D 65 30.41 -11.49 -9.32
C ALA D 65 29.26 -12.17 -8.59
N HIS D 66 29.22 -12.08 -7.27
CA HIS D 66 28.09 -12.70 -6.57
C HIS D 66 26.78 -12.07 -7.04
N ILE D 67 26.70 -10.73 -6.98
CA ILE D 67 25.48 -9.94 -7.32
C ILE D 67 25.10 -10.14 -8.79
N LEU D 68 26.10 -10.24 -9.68
CA LEU D 68 25.84 -10.43 -11.13
C LEU D 68 25.83 -11.93 -11.44
N GLY D 69 26.04 -12.78 -10.43
CA GLY D 69 26.07 -14.23 -10.62
C GLY D 69 27.12 -14.62 -11.64
N VAL D 70 28.05 -13.70 -11.93
CA VAL D 70 29.12 -13.97 -12.93
C VAL D 70 30.34 -14.59 -12.22
N ASN D 71 31.42 -14.84 -12.96
CA ASN D 71 32.70 -15.43 -12.47
C ASN D 71 33.49 -14.37 -11.71
N ALA D 72 34.50 -14.77 -10.96
CA ALA D 72 35.23 -13.71 -10.24
C ALA D 72 35.92 -12.91 -11.32
N GLU D 73 36.53 -13.58 -12.29
CA GLU D 73 37.27 -12.90 -13.40
C GLU D 73 36.32 -11.95 -14.14
N GLU D 74 35.04 -12.30 -14.23
CA GLU D 74 34.04 -11.47 -14.95
C GLU D 74 33.76 -10.18 -14.15
N GLY D 75 33.25 -10.33 -12.92
CA GLY D 75 32.90 -9.18 -12.06
C GLY D 75 34.02 -8.14 -12.01
N ASP D 76 35.27 -8.57 -11.84
CA ASP D 76 36.41 -7.64 -11.75
C ASP D 76 36.42 -6.74 -12.98
N GLU D 77 36.33 -7.32 -14.17
CA GLU D 77 36.30 -6.50 -15.41
C GLU D 77 35.15 -5.50 -15.33
N ILE D 78 33.94 -5.98 -15.05
CA ILE D 78 32.73 -5.10 -15.01
C ILE D 78 33.07 -3.96 -14.04
N THR D 79 33.56 -4.31 -12.84
CA THR D 79 34.08 -3.38 -11.80
C THR D 79 35.03 -2.36 -12.45
N GLU D 80 36.07 -2.86 -13.11
CA GLU D 80 37.03 -2.11 -13.94
C GLU D 80 36.26 -1.04 -14.72
N TYR D 81 35.26 -1.47 -15.48
CA TYR D 81 34.48 -0.62 -16.43
C TYR D 81 33.66 0.42 -15.67
N LEU D 82 33.14 0.00 -14.52
CA LEU D 82 32.21 0.84 -13.72
C LEU D 82 33.00 1.98 -13.06
N ASN D 83 34.26 1.75 -12.67
CA ASN D 83 35.14 2.82 -12.13
C ASN D 83 35.01 4.05 -13.05
N GLU D 84 35.13 3.87 -14.36
CA GLU D 84 35.27 5.02 -15.29
C GLU D 84 33.93 5.74 -15.46
N VAL D 85 32.81 5.04 -15.24
CA VAL D 85 31.43 5.58 -15.50
C VAL D 85 30.77 6.13 -14.22
N ILE D 86 31.12 5.65 -13.02
CA ILE D 86 30.62 6.19 -11.70
C ILE D 86 31.83 6.68 -10.87
N HIS D 87 32.21 7.95 -11.06
CA HIS D 87 33.54 8.55 -10.75
C HIS D 87 34.52 8.18 -11.87
N ILE E 1 -13.57 -34.16 31.26
CA ILE E 1 -14.52 -33.12 30.76
C ILE E 1 -15.48 -32.77 31.89
N ASP E 2 -14.99 -32.81 33.13
CA ASP E 2 -15.78 -33.08 34.36
C ASP E 2 -15.49 -32.03 35.43
N MET E 3 -14.25 -31.54 35.49
CA MET E 3 -13.78 -30.60 36.55
C MET E 3 -13.29 -29.29 35.90
N TYR E 4 -13.67 -28.15 36.49
CA TYR E 4 -13.25 -26.82 35.99
C TYR E 4 -12.31 -26.20 37.02
N LEU E 5 -11.45 -25.27 36.59
CA LEU E 5 -10.50 -24.68 37.55
C LEU E 5 -10.90 -23.24 37.83
N TYR E 6 -11.22 -22.47 36.80
CA TYR E 6 -11.65 -21.06 37.00
C TYR E 6 -12.20 -20.54 35.69
N ASP E 7 -13.28 -19.77 35.75
CA ASP E 7 -13.88 -19.17 34.54
C ASP E 7 -14.15 -17.71 34.85
N ASP E 8 -13.12 -16.88 34.85
CA ASP E 8 -13.32 -15.45 35.16
C ASP E 8 -13.68 -14.70 33.88
N ASN E 9 -14.00 -13.42 34.02
CA ASN E 9 -14.36 -12.61 32.83
C ASN E 9 -13.87 -11.20 33.10
N GLU E 10 -13.29 -10.56 32.10
CA GLU E 10 -12.79 -9.18 32.25
C GLU E 10 -12.90 -8.47 30.91
N GLU E 11 -13.53 -7.28 30.94
CA GLU E 11 -13.68 -6.40 29.74
C GLU E 11 -12.57 -5.33 29.80
N SER E 12 -11.56 -5.49 28.94
CA SER E 12 -10.41 -4.55 28.86
C SER E 12 -10.41 -3.86 27.49
N GLN E 13 -9.42 -4.15 26.64
CA GLN E 13 -9.33 -3.54 25.30
C GLN E 13 -8.35 -4.32 24.42
N VAL E 14 -8.63 -4.36 23.11
CA VAL E 14 -7.78 -5.06 22.09
C VAL E 14 -7.51 -4.08 20.96
N GLN E 15 -6.24 -3.93 20.59
CA GLN E 15 -5.78 -3.01 19.52
C GLN E 15 -5.37 -3.85 18.30
N PHE E 16 -5.56 -3.28 17.12
CA PHE E 16 -5.29 -3.99 15.85
C PHE E 16 -4.38 -3.12 15.01
N VAL E 17 -3.14 -3.51 14.79
CA VAL E 17 -2.30 -2.60 13.98
C VAL E 17 -2.31 -3.05 12.51
N GLY E 18 -1.16 -2.91 11.88
CA GLY E 18 -1.04 -3.25 10.45
C GLY E 18 0.03 -2.35 9.86
N PHE E 19 1.16 -2.27 10.55
CA PHE E 19 2.31 -1.43 10.12
C PHE E 19 3.13 -2.22 9.09
N VAL E 20 4.11 -1.58 8.47
CA VAL E 20 4.93 -2.28 7.45
C VAL E 20 6.39 -1.96 7.71
N GLY E 21 7.27 -2.97 7.71
CA GLY E 21 8.72 -2.80 7.91
C GLY E 21 9.43 -2.53 6.59
N GLU E 22 10.57 -3.17 6.32
CA GLU E 22 11.41 -2.86 5.13
C GLU E 22 11.16 -3.85 3.98
N HIS E 23 11.11 -5.17 4.22
CA HIS E 23 10.72 -6.17 3.19
C HIS E 23 9.54 -7.00 3.69
N SER E 24 8.91 -6.58 4.79
CA SER E 24 7.99 -7.42 5.58
C SER E 24 6.67 -6.69 5.84
N ARG E 25 5.55 -7.40 5.73
CA ARG E 25 4.24 -6.92 6.25
C ARG E 25 3.99 -7.51 7.64
N TYR E 26 3.49 -6.68 8.56
CA TYR E 26 3.10 -7.08 9.94
C TYR E 26 1.63 -6.78 10.12
N ASP E 27 0.86 -7.76 10.58
CA ASP E 27 -0.51 -7.55 11.09
C ASP E 27 -0.51 -8.09 12.50
N LEU E 28 -0.69 -7.20 13.48
CA LEU E 28 -0.66 -7.53 14.92
C LEU E 28 -2.04 -7.32 15.54
N MET E 29 -2.13 -7.72 16.81
CA MET E 29 -3.27 -7.51 17.74
C MET E 29 -2.70 -7.50 19.15
N LEU E 30 -3.04 -6.49 19.94
CA LEU E 30 -2.49 -6.31 21.31
C LEU E 30 -3.65 -6.23 22.31
N VAL E 31 -3.54 -7.02 23.37
CA VAL E 31 -4.49 -7.06 24.51
C VAL E 31 -3.67 -6.79 25.77
N HIS E 32 -4.08 -5.80 26.57
CA HIS E 32 -3.36 -5.49 27.83
C HIS E 32 -4.35 -5.68 28.98
N THR E 33 -3.96 -6.43 30.01
CA THR E 33 -4.89 -6.69 31.13
C THR E 33 -4.16 -6.73 32.46
N ASN E 34 -4.89 -6.33 33.52
CA ASN E 34 -4.40 -6.28 34.92
C ASN E 34 -4.45 -7.69 35.52
N ARG E 35 -4.83 -8.68 34.70
CA ARG E 35 -4.86 -10.10 35.15
C ARG E 35 -3.42 -10.61 35.16
N HIS E 36 -2.55 -9.97 34.37
CA HIS E 36 -1.11 -10.34 34.30
C HIS E 36 -0.30 -9.31 35.09
N TYR E 37 0.92 -9.00 34.65
CA TYR E 37 1.78 -8.02 35.37
C TYR E 37 2.37 -6.99 34.39
N GLY E 38 1.52 -6.23 33.69
CA GLY E 38 2.05 -5.21 32.77
C GLY E 38 2.24 -5.74 31.36
N LYS E 39 2.98 -6.84 31.20
CA LYS E 39 3.24 -7.39 29.84
C LYS E 39 1.91 -7.61 29.12
N THR E 40 1.81 -7.16 27.88
CA THR E 40 0.53 -7.27 27.15
C THR E 40 0.57 -8.46 26.20
N LEU E 41 -0.60 -8.97 25.86
CA LEU E 41 -0.71 -10.15 24.98
C LEU E 41 -0.45 -9.64 23.59
N VAL E 42 0.40 -10.32 22.83
CA VAL E 42 0.78 -9.85 21.47
C VAL E 42 0.60 -11.00 20.47
N LEU E 43 -0.52 -11.04 19.76
CA LEU E 43 -0.75 -12.02 18.66
C LEU E 43 -0.09 -11.47 17.41
N ASN E 44 0.81 -12.25 16.79
CA ASN E 44 1.16 -12.12 15.34
C ASN E 44 -0.04 -12.69 14.57
N MET E 45 -0.80 -11.82 13.91
CA MET E 45 -2.02 -12.21 13.15
C MET E 45 -1.65 -12.64 11.73
N GLN E 46 -0.48 -13.26 11.56
CA GLN E 46 -0.03 -13.75 10.22
C GLN E 46 0.60 -15.14 10.38
N THR E 47 0.77 -15.58 11.63
CA THR E 47 1.35 -16.92 11.93
C THR E 47 0.48 -17.64 12.95
N ASN E 48 -0.60 -17.00 13.41
CA ASN E 48 -1.51 -17.60 14.40
C ASN E 48 -0.69 -18.07 15.59
N LYS E 49 0.08 -17.16 16.15
CA LYS E 49 0.91 -17.35 17.37
C LYS E 49 0.97 -16.05 18.18
N PHE E 50 1.45 -16.11 19.42
CA PHE E 50 1.38 -14.96 20.35
C PHE E 50 2.27 -15.19 21.56
N GLY E 51 2.44 -14.15 22.37
CA GLY E 51 3.34 -14.12 23.53
C GLY E 51 2.86 -13.12 24.56
N ILE E 52 3.41 -13.21 25.77
CA ILE E 52 3.03 -12.38 26.95
C ILE E 52 4.27 -11.54 27.30
N ILE E 53 4.20 -10.23 27.07
CA ILE E 53 5.39 -9.38 26.77
C ILE E 53 5.48 -8.21 27.76
N GLY E 54 6.66 -8.10 28.39
CA GLY E 54 7.12 -6.91 29.13
C GLY E 54 8.52 -6.51 28.70
N THR E 55 9.04 -5.44 29.31
CA THR E 55 10.36 -4.80 29.02
C THR E 55 11.51 -5.82 29.00
N ASP E 56 11.40 -6.90 29.77
CA ASP E 56 12.52 -7.87 30.00
C ASP E 56 12.56 -8.95 28.91
N ASP E 57 11.46 -9.13 28.16
CA ASP E 57 11.40 -10.06 26.99
C ASP E 57 11.89 -9.31 25.73
N LEU E 58 11.64 -7.98 25.67
CA LEU E 58 12.24 -7.06 24.67
C LEU E 58 13.75 -7.04 24.86
N LYS E 59 14.19 -6.77 26.09
CA LYS E 59 15.59 -6.97 26.56
C LYS E 59 16.14 -8.26 25.92
N GLU E 60 15.50 -9.42 26.14
CA GLU E 60 16.08 -10.72 25.68
C GLU E 60 15.82 -10.88 24.18
N GLU E 61 16.89 -10.78 23.39
CA GLU E 61 16.88 -11.08 21.93
C GLU E 61 16.89 -12.61 21.77
N GLY E 62 16.52 -13.09 20.57
CA GLY E 62 16.22 -14.50 20.27
C GLY E 62 14.73 -14.77 20.43
N TYR E 63 14.10 -14.09 21.39
CA TYR E 63 12.73 -14.36 21.89
C TYR E 63 11.67 -13.94 20.86
N ILE E 64 11.48 -12.63 20.66
CA ILE E 64 10.30 -12.09 19.92
C ILE E 64 10.15 -12.89 18.62
N ALA E 65 11.29 -13.23 18.01
CA ALA E 65 11.39 -14.04 16.78
C ALA E 65 10.92 -15.47 17.10
N HIS E 66 11.46 -16.07 18.16
CA HIS E 66 11.13 -17.45 18.62
C HIS E 66 9.64 -17.56 18.97
N ILE E 67 9.08 -16.62 19.74
CA ILE E 67 7.67 -16.74 20.24
C ILE E 67 6.66 -16.53 19.09
N LEU E 68 6.77 -15.42 18.35
CA LEU E 68 5.79 -15.02 17.31
C LEU E 68 6.05 -15.77 16.00
N GLY E 69 7.18 -16.48 15.92
CA GLY E 69 7.55 -17.39 14.82
C GLY E 69 7.97 -16.64 13.57
N VAL E 70 8.83 -15.62 13.72
CA VAL E 70 9.26 -14.75 12.60
C VAL E 70 10.78 -14.56 12.66
N ASN E 71 11.46 -14.79 11.53
CA ASN E 71 12.95 -14.90 11.44
C ASN E 71 13.57 -13.55 11.83
N ALA E 72 14.80 -13.62 12.35
CA ALA E 72 15.49 -12.61 13.18
C ALA E 72 15.17 -11.20 12.70
N GLU E 73 15.41 -10.93 11.41
CA GLU E 73 15.17 -9.64 10.71
C GLU E 73 13.78 -9.10 11.15
N GLU E 74 12.73 -9.91 10.99
CA GLU E 74 11.36 -9.49 11.36
C GLU E 74 11.29 -9.23 12.87
N GLY E 75 11.91 -10.09 13.67
CA GLY E 75 11.91 -9.96 15.15
C GLY E 75 12.24 -8.55 15.60
N ASP E 76 13.44 -8.06 15.25
CA ASP E 76 13.90 -6.70 15.65
C ASP E 76 12.87 -5.64 15.22
N GLU E 77 12.38 -5.74 13.97
CA GLU E 77 11.41 -4.77 13.41
C GLU E 77 10.25 -4.56 14.39
N ILE E 78 9.64 -5.65 14.88
CA ILE E 78 8.49 -5.55 15.82
C ILE E 78 8.99 -5.25 17.23
N THR E 79 10.26 -5.55 17.51
CA THR E 79 10.85 -5.30 18.86
C THR E 79 10.93 -3.79 19.11
N GLU E 80 11.26 -3.02 18.06
CA GLU E 80 11.37 -1.55 18.18
C GLU E 80 9.97 -0.94 18.23
N TYR E 81 9.02 -1.56 17.52
CA TYR E 81 7.62 -1.08 17.48
C TYR E 81 6.96 -1.31 18.84
N LEU E 82 7.31 -2.44 19.49
CA LEU E 82 6.76 -2.79 20.82
C LEU E 82 7.51 -2.00 21.90
N ASN E 83 8.73 -1.55 21.58
CA ASN E 83 9.56 -0.77 22.53
C ASN E 83 9.02 0.66 22.63
N GLU E 84 7.84 0.91 22.03
CA GLU E 84 7.22 2.26 22.05
C GLU E 84 5.81 2.15 22.65
N VAL E 85 5.17 0.98 22.51
CA VAL E 85 3.80 0.77 23.06
C VAL E 85 3.82 -0.11 24.32
N ILE E 86 5.00 -0.58 24.78
CA ILE E 86 5.20 -1.25 26.11
C ILE E 86 5.72 -0.20 27.12
N HIS E 87 5.21 -0.21 28.36
CA HIS E 87 5.63 0.67 29.48
C HIS E 87 6.20 -0.19 30.63
N ILE F 1 9.66 -0.45 8.82
CA ILE F 1 9.55 0.43 10.02
C ILE F 1 9.09 1.80 9.55
N ASP F 2 8.07 1.90 8.71
CA ASP F 2 7.78 3.28 8.25
C ASP F 2 6.33 3.53 7.89
N MET F 3 5.57 2.55 7.41
CA MET F 3 4.20 2.95 7.01
C MET F 3 3.18 2.10 7.74
N TYR F 4 2.22 2.75 8.39
CA TYR F 4 1.21 1.92 9.07
C TYR F 4 0.04 1.83 8.12
N LEU F 5 -0.45 0.63 7.87
CA LEU F 5 -1.67 0.49 7.03
C LEU F 5 -2.89 0.97 7.82
N TYR F 6 -3.10 0.42 9.02
CA TYR F 6 -4.26 0.80 9.86
C TYR F 6 -4.03 0.38 11.32
N ASP F 7 -4.68 1.07 12.24
CA ASP F 7 -4.58 0.79 13.70
C ASP F 7 -5.90 1.18 14.37
N ASP F 8 -6.89 0.29 14.32
CA ASP F 8 -8.24 0.57 14.90
C ASP F 8 -8.26 0.20 16.39
N ASN F 9 -9.38 0.46 17.06
CA ASN F 9 -9.52 0.15 18.51
C ASN F 9 -10.88 -0.52 18.77
N GLU F 10 -10.97 -1.32 19.84
CA GLU F 10 -12.21 -2.02 20.21
C GLU F 10 -12.02 -2.48 21.65
N GLU F 11 -12.79 -1.94 22.59
CA GLU F 11 -12.68 -2.43 23.98
C GLU F 11 -13.33 -3.81 23.98
N SER F 12 -12.81 -4.78 24.72
CA SER F 12 -13.55 -6.05 24.58
C SER F 12 -13.64 -6.81 25.89
N GLN F 13 -14.61 -7.72 25.89
CA GLN F 13 -14.88 -8.65 27.01
C GLN F 13 -13.77 -9.69 26.96
N VAL F 14 -13.28 -10.15 28.10
CA VAL F 14 -12.22 -11.18 27.97
C VAL F 14 -12.65 -12.39 28.79
N GLN F 15 -12.46 -13.58 28.24
CA GLN F 15 -12.81 -14.79 28.99
C GLN F 15 -11.53 -15.58 29.18
N PHE F 16 -11.34 -16.09 30.38
CA PHE F 16 -10.15 -16.92 30.76
C PHE F 16 -10.65 -18.20 31.44
N VAL F 17 -10.89 -19.26 30.69
CA VAL F 17 -11.19 -20.59 31.30
C VAL F 17 -9.88 -21.26 31.71
N GLY F 18 -10.08 -22.22 32.61
CA GLY F 18 -9.18 -23.31 33.00
C GLY F 18 -10.07 -24.50 33.29
N PHE F 19 -9.82 -25.62 32.66
CA PHE F 19 -10.54 -26.85 32.98
C PHE F 19 -9.60 -28.00 32.71
N VAL F 20 -10.02 -29.20 33.10
CA VAL F 20 -9.14 -30.41 32.99
C VAL F 20 -10.01 -31.57 32.52
N GLY F 21 -9.70 -32.10 31.35
CA GLY F 21 -10.41 -33.18 30.65
C GLY F 21 -9.88 -34.53 31.10
N GLU F 22 -10.06 -35.58 30.32
CA GLU F 22 -9.88 -36.95 30.83
C GLU F 22 -8.38 -37.24 30.91
N HIS F 23 -7.59 -36.78 29.93
CA HIS F 23 -6.16 -37.18 29.81
C HIS F 23 -5.22 -35.98 29.90
N SER F 24 -5.71 -34.74 29.73
CA SER F 24 -4.86 -33.54 29.95
C SER F 24 -5.66 -32.37 30.55
N ARG F 25 -4.95 -31.35 31.02
CA ARG F 25 -5.49 -30.04 31.48
C ARG F 25 -5.49 -29.02 30.34
N TYR F 26 -6.39 -28.04 30.36
CA TYR F 26 -6.48 -26.95 29.35
C TYR F 26 -6.54 -25.59 30.04
N ASP F 27 -5.76 -24.64 29.54
CA ASP F 27 -5.69 -23.27 30.09
C ASP F 27 -5.88 -22.32 28.90
N LEU F 28 -7.11 -21.86 28.66
CA LEU F 28 -7.38 -20.97 27.50
C LEU F 28 -8.04 -19.67 27.95
N MET F 29 -8.00 -18.65 27.09
CA MET F 29 -8.62 -17.32 27.34
C MET F 29 -9.27 -16.84 26.03
N LEU F 30 -10.60 -16.78 25.99
CA LEU F 30 -11.34 -16.38 24.76
C LEU F 30 -11.39 -14.85 24.64
N VAL F 31 -11.60 -14.37 23.41
CA VAL F 31 -11.70 -12.92 23.10
C VAL F 31 -12.73 -12.81 21.98
N HIS F 32 -13.60 -11.80 22.04
CA HIS F 32 -14.69 -11.64 21.04
C HIS F 32 -14.82 -10.16 20.69
N THR F 33 -14.87 -9.86 19.39
CA THR F 33 -14.93 -8.46 18.87
C THR F 33 -15.90 -8.38 17.69
N ASN F 34 -16.03 -7.18 17.12
CA ASN F 34 -16.95 -6.96 15.98
C ASN F 34 -16.23 -7.30 14.67
N ARG F 35 -14.92 -7.02 14.61
CA ARG F 35 -14.08 -7.20 13.39
C ARG F 35 -14.40 -8.49 12.64
N HIS F 36 -14.42 -9.63 13.32
CA HIS F 36 -14.71 -10.90 12.61
C HIS F 36 -16.17 -11.27 12.81
N TYR F 37 -16.85 -10.54 13.70
CA TYR F 37 -18.31 -10.69 13.96
C TYR F 37 -18.59 -12.12 14.47
N GLY F 38 -19.42 -12.92 13.76
CA GLY F 38 -19.82 -14.29 14.16
C GLY F 38 -18.66 -15.27 14.11
N LYS F 39 -17.49 -14.82 14.57
CA LYS F 39 -16.19 -15.56 14.64
C LYS F 39 -15.41 -14.98 15.83
N THR F 40 -15.29 -15.75 16.91
CA THR F 40 -14.50 -15.35 18.10
C THR F 40 -13.15 -16.09 18.06
N LEU F 41 -12.14 -15.58 18.77
CA LEU F 41 -10.80 -16.22 18.76
C LEU F 41 -10.45 -16.73 20.16
N VAL F 42 -9.71 -17.84 20.24
CA VAL F 42 -9.29 -18.46 21.53
C VAL F 42 -7.76 -18.33 21.64
N LEU F 43 -7.23 -18.35 22.86
CA LEU F 43 -5.79 -18.22 23.09
C LEU F 43 -5.28 -19.40 23.88
N ASN F 44 -4.98 -20.52 23.23
CA ASN F 44 -4.44 -21.64 24.06
C ASN F 44 -3.14 -21.20 24.75
N MET F 45 -3.18 -21.04 26.07
CA MET F 45 -2.13 -20.31 26.83
C MET F 45 -0.92 -21.21 27.12
N GLN F 46 -1.02 -22.53 26.91
CA GLN F 46 0.13 -23.43 27.18
C GLN F 46 0.96 -23.58 25.92
N THR F 47 0.39 -23.18 24.79
CA THR F 47 0.81 -23.56 23.43
C THR F 47 1.28 -22.28 22.70
N ASN F 48 0.68 -21.13 22.99
CA ASN F 48 0.99 -19.80 22.40
C ASN F 48 0.65 -19.76 20.90
N LYS F 49 0.06 -20.82 20.36
CA LYS F 49 -0.76 -20.74 19.13
C LYS F 49 -2.16 -20.18 19.47
N PHE F 50 -2.91 -19.73 18.46
CA PHE F 50 -4.30 -19.23 18.59
C PHE F 50 -5.03 -19.30 17.25
N GLY F 51 -6.33 -19.02 17.24
CA GLY F 51 -7.19 -19.18 16.06
C GLY F 51 -8.48 -18.40 16.17
N ILE F 52 -9.01 -17.98 15.01
CA ILE F 52 -10.30 -17.25 14.86
C ILE F 52 -11.32 -18.25 14.34
N ILE F 53 -12.40 -18.48 15.11
CA ILE F 53 -13.28 -19.69 15.05
C ILE F 53 -14.77 -19.30 15.00
N GLY F 54 -15.53 -19.93 14.10
CA GLY F 54 -17.01 -19.94 14.07
C GLY F 54 -17.57 -21.37 14.11
N THR F 55 -18.89 -21.55 13.91
CA THR F 55 -19.53 -22.90 13.88
C THR F 55 -18.78 -23.84 12.94
N ASP F 56 -18.45 -23.34 11.74
CA ASP F 56 -18.07 -24.15 10.56
C ASP F 56 -16.56 -24.46 10.57
N ASP F 57 -15.82 -23.93 11.55
CA ASP F 57 -14.43 -24.38 11.84
C ASP F 57 -14.50 -25.56 12.82
N LEU F 58 -15.46 -25.52 13.75
CA LEU F 58 -15.72 -26.57 14.78
C LEU F 58 -16.10 -27.88 14.09
N LYS F 59 -16.98 -27.79 13.07
CA LYS F 59 -17.51 -28.93 12.28
C LYS F 59 -16.38 -29.61 11.47
N GLU F 60 -15.27 -28.90 11.21
CA GLU F 60 -14.09 -29.45 10.47
C GLU F 60 -13.16 -30.22 11.41
N GLU F 61 -13.38 -31.53 11.52
CA GLU F 61 -12.50 -32.53 12.20
C GLU F 61 -11.05 -32.36 11.71
N GLY F 62 -10.09 -32.34 12.63
CA GLY F 62 -8.65 -32.15 12.37
C GLY F 62 -8.19 -30.72 12.64
N TYR F 63 -9.07 -29.76 12.40
CA TYR F 63 -8.70 -28.33 12.45
C TYR F 63 -8.21 -27.83 13.82
N ILE F 64 -9.14 -27.76 14.78
CA ILE F 64 -8.91 -27.01 16.06
C ILE F 64 -7.65 -27.55 16.72
N ALA F 65 -7.44 -28.85 16.58
CA ALA F 65 -6.24 -29.55 17.05
C ALA F 65 -5.00 -28.94 16.38
N HIS F 66 -5.03 -28.86 15.04
CA HIS F 66 -3.93 -28.34 14.18
C HIS F 66 -3.68 -26.86 14.49
N ILE F 67 -4.74 -26.07 14.51
CA ILE F 67 -4.67 -24.60 14.68
C ILE F 67 -3.83 -24.21 15.88
N LEU F 68 -3.93 -24.93 17.00
CA LEU F 68 -3.21 -24.48 18.21
C LEU F 68 -2.14 -25.48 18.63
N GLY F 69 -1.91 -26.53 17.82
CA GLY F 69 -0.89 -27.54 18.13
C GLY F 69 -1.28 -28.42 19.29
N VAL F 70 -2.06 -29.48 19.04
CA VAL F 70 -2.50 -30.41 20.11
C VAL F 70 -2.77 -31.80 19.50
N ASN F 71 -3.19 -32.76 20.33
CA ASN F 71 -3.49 -34.14 19.86
C ASN F 71 -4.97 -34.23 19.46
N ALA F 72 -5.42 -35.42 19.06
CA ALA F 72 -6.84 -35.60 18.66
C ALA F 72 -7.75 -35.31 19.84
N GLU F 73 -7.51 -36.01 20.95
CA GLU F 73 -8.29 -35.90 22.19
C GLU F 73 -8.46 -34.41 22.50
N GLU F 74 -7.35 -33.70 22.73
CA GLU F 74 -7.39 -32.24 23.04
C GLU F 74 -8.26 -31.52 22.01
N GLY F 75 -8.29 -32.01 20.77
CA GLY F 75 -9.09 -31.40 19.70
C GLY F 75 -10.58 -31.57 19.95
N ASP F 76 -10.97 -32.69 20.55
CA ASP F 76 -12.41 -32.97 20.85
C ASP F 76 -12.75 -32.40 22.24
N GLU F 77 -11.80 -32.49 23.18
CA GLU F 77 -12.01 -31.99 24.56
C GLU F 77 -12.19 -30.46 24.55
N ILE F 78 -11.49 -29.77 23.64
CA ILE F 78 -11.61 -28.29 23.50
C ILE F 78 -12.81 -27.97 22.59
N THR F 79 -12.96 -28.70 21.48
CA THR F 79 -14.07 -28.51 20.53
C THR F 79 -15.40 -28.87 21.23
N GLU F 80 -15.36 -29.74 22.24
CA GLU F 80 -16.51 -30.01 23.15
C GLU F 80 -16.84 -28.71 23.91
N TYR F 81 -15.85 -28.14 24.61
CA TYR F 81 -16.02 -26.94 25.46
C TYR F 81 -16.58 -25.75 24.66
N LEU F 82 -16.04 -25.59 23.45
CA LEU F 82 -16.30 -24.41 22.59
C LEU F 82 -17.75 -24.50 22.06
N ASN F 83 -18.18 -25.73 21.75
CA ASN F 83 -19.50 -26.05 21.15
C ASN F 83 -20.60 -25.24 21.84
N GLU F 84 -20.61 -25.17 23.16
CA GLU F 84 -21.73 -24.53 23.91
C GLU F 84 -21.57 -23.00 23.93
N VAL F 85 -20.33 -22.51 23.84
CA VAL F 85 -19.98 -21.08 24.11
C VAL F 85 -20.56 -20.18 23.01
N ILE F 86 -20.50 -20.61 21.74
CA ILE F 86 -20.69 -19.74 20.54
C ILE F 86 -21.81 -20.27 19.63
#